data_3T5L
#
_entry.id   3T5L
#
_cell.length_a   95.124
_cell.length_b   103.716
_cell.length_c   52.816
_cell.angle_alpha   90.00
_cell.angle_beta   90.00
_cell.angle_gamma   90.00
#
_symmetry.space_group_name_H-M   'P 21 21 2'
#
loop_
_entity.id
_entity.type
_entity.pdbx_description
1 polymer 'DNA polymerase IV'
2 polymer "DNA (5'-D(*CP*AP*CP*(HN0)P*GP*AP*AP*TP*CP*CP*TP*TP*CP*CP*CP*CP*C)-3')"
3 polymer "DNA (5'-D(*GP*GP*GP*GP*GP*AP*AP*GP*GP*AP*TP*TP*CP*C)-3')"
4 non-polymer "2'-DEOXYGUANOSINE-5'-TRIPHOSPHATE"
5 non-polymer 'CALCIUM ION'
6 water water
#
loop_
_entity_poly.entity_id
_entity_poly.type
_entity_poly.pdbx_seq_one_letter_code
_entity_poly.pdbx_strand_id
1 'polypeptide(L)'
;MIVLFVDFDYFYAQVEEVLNPSLKGKPVVVCVFSGRFEDSGAVATANYEARKFGVKAGIPIVEAKKILPNAVYLPMRKEV
YQQVSSRIMNLLREYSEKIEIASIDEAYLDISDKVRDYREAYNLGLEIKNKILEKEKITVTVGISKNKVFAKIAADMAKP
NGIKVIDDEEVKRLIRELDIADVPGIGNITAEKLKKLGINKLVDTLSIEFDKLKGMIGEAKAKYLISLARDEYNEPIRTR
VRKSIGRIVTMKRNSRNLEEIKPYLFRAIEESYYKLDKRIPKAIHVVAVTEDLDIVSRGRTFPHGISKETAYSESVKLLQ
KILEEDERKIRRIGVRFSKFI
;
A
2 'polydeoxyribonucleotide' (DC)(DA)(DC)(HN0)(DG)(DA)(DA)(DT)(DC)(DC)(DT)(DT)(DC)(DC)(DC)(DC)(DC) B
3 'polydeoxyribonucleotide' (DG)(DG)(DG)(DG)(DG)(DA)(DA)(DG)(DG)(DA)(DT)(DT)(DC)(DC) C
#
loop_
_chem_comp.id
_chem_comp.type
_chem_comp.name
_chem_comp.formula
CA non-polymer 'CALCIUM ION' 'Ca 2'
DA DNA linking 2'-DEOXYADENOSINE-5'-MONOPHOSPHATE 'C10 H14 N5 O6 P'
DC DNA linking 2'-DEOXYCYTIDINE-5'-MONOPHOSPHATE 'C9 H14 N3 O7 P'
DG DNA linking 2'-DEOXYGUANOSINE-5'-MONOPHOSPHATE 'C10 H14 N5 O7 P'
DGT non-polymer 2'-DEOXYGUANOSINE-5'-TRIPHOSPHATE 'C10 H16 N5 O13 P3'
DT DNA linking THYMIDINE-5'-MONOPHOSPHATE 'C10 H15 N2 O8 P'
HN0 DNA linking '2'-deoxy-N-[(2S,3S,5R)-5-hydroxy-2-pentyltetrahydrofuran-3-yl]guanosine 5'-(dihydrogen phosphate)' 'C19 H30 N5 O9 P'
#
# COMPACT_ATOMS: atom_id res chain seq x y z
N MET A 1 6.27 23.13 -12.77
CA MET A 1 6.09 22.11 -11.69
C MET A 1 6.35 20.68 -12.22
N ILE A 2 7.39 20.05 -11.72
CA ILE A 2 7.76 18.70 -12.16
C ILE A 2 7.90 17.68 -11.04
N VAL A 3 7.15 16.59 -11.14
CA VAL A 3 7.19 15.56 -10.12
C VAL A 3 7.69 14.26 -10.73
N LEU A 4 8.60 13.62 -10.01
CA LEU A 4 9.16 12.35 -10.45
C LEU A 4 8.80 11.25 -9.45
N PHE A 5 8.06 10.25 -9.94
CA PHE A 5 7.63 9.14 -9.10
C PHE A 5 8.47 7.89 -9.37
N VAL A 6 8.87 7.21 -8.30
CA VAL A 6 9.66 5.99 -8.41
C VAL A 6 8.94 4.83 -7.76
N ASP A 7 8.87 3.71 -8.47
CA ASP A 7 8.20 2.52 -7.99
C ASP A 7 9.02 1.27 -8.32
N PHE A 8 9.54 0.58 -7.30
CA PHE A 8 10.37 -0.61 -7.54
C PHE A 8 9.56 -1.77 -8.10
N ASP A 9 10.14 -2.50 -9.07
CA ASP A 9 9.45 -3.63 -9.69
C ASP A 9 9.33 -4.91 -8.83
N TYR A 10 8.18 -5.57 -8.93
CA TYR A 10 7.86 -6.78 -8.17
C TYR A 10 8.75 -6.90 -6.96
N PHE A 11 8.82 -5.78 -6.25
CA PHE A 11 9.65 -5.59 -5.08
C PHE A 11 9.99 -6.72 -4.12
N TYR A 12 9.02 -7.32 -3.46
CA TYR A 12 9.40 -8.38 -2.52
C TYR A 12 10.06 -9.56 -3.23
N ALA A 13 9.62 -9.85 -4.44
CA ALA A 13 10.19 -10.96 -5.18
C ALA A 13 11.55 -10.55 -5.73
N GLN A 14 11.69 -9.31 -6.20
CA GLN A 14 12.97 -8.89 -6.73
C GLN A 14 14.05 -8.91 -5.65
N VAL A 15 13.71 -8.52 -4.43
CA VAL A 15 14.69 -8.54 -3.35
C VAL A 15 15.12 -9.98 -3.11
N GLU A 16 14.15 -10.91 -3.16
CA GLU A 16 14.45 -12.31 -2.96
C GLU A 16 15.41 -12.79 -4.05
N GLU A 17 15.28 -12.25 -5.27
CA GLU A 17 16.16 -12.63 -6.38
C GLU A 17 17.57 -12.10 -6.12
N VAL A 18 17.67 -10.86 -5.67
CA VAL A 18 18.96 -10.26 -5.40
C VAL A 18 19.73 -11.06 -4.36
N LEU A 19 19.08 -11.38 -3.25
CA LEU A 19 19.72 -12.15 -2.19
C LEU A 19 20.02 -13.61 -2.55
N ASN A 20 19.52 -14.06 -3.71
CA ASN A 20 19.74 -15.43 -4.13
C ASN A 20 19.45 -15.51 -5.63
N PRO A 21 20.37 -14.97 -6.43
CA PRO A 21 20.34 -14.89 -7.90
C PRO A 21 19.97 -16.15 -8.65
N SER A 22 20.14 -17.31 -8.02
CA SER A 22 19.81 -18.56 -8.70
C SER A 22 18.34 -18.56 -9.06
N LEU A 23 17.56 -17.78 -8.31
CA LEU A 23 16.11 -17.66 -8.52
C LEU A 23 15.75 -16.93 -9.81
N LYS A 24 16.54 -15.92 -10.15
CA LYS A 24 16.31 -15.11 -11.34
C LYS A 24 15.99 -15.97 -12.57
N GLY A 25 14.92 -15.64 -13.27
CA GLY A 25 14.57 -16.40 -14.45
C GLY A 25 13.42 -17.36 -14.25
N LYS A 26 13.26 -17.85 -13.03
CA LYS A 26 12.19 -18.80 -12.70
C LYS A 26 11.05 -18.07 -11.99
N PRO A 27 9.85 -18.69 -11.97
CA PRO A 27 8.71 -18.05 -11.29
C PRO A 27 8.95 -17.98 -9.78
N VAL A 28 8.81 -16.79 -9.22
CA VAL A 28 9.04 -16.59 -7.79
C VAL A 28 7.80 -16.02 -7.10
N VAL A 29 7.35 -16.74 -6.07
CA VAL A 29 6.17 -16.37 -5.30
C VAL A 29 6.43 -16.10 -3.81
N VAL A 30 6.20 -14.87 -3.38
CA VAL A 30 6.39 -14.51 -1.96
C VAL A 30 5.04 -14.67 -1.28
N CYS A 31 4.96 -15.60 -0.35
CA CYS A 31 3.70 -15.90 0.33
C CYS A 31 3.64 -15.54 1.80
N VAL A 32 2.41 -15.45 2.28
CA VAL A 32 2.12 -15.16 3.67
C VAL A 32 1.32 -16.36 4.18
N PHE A 33 1.96 -17.27 4.90
CA PHE A 33 1.30 -18.47 5.42
C PHE A 33 0.55 -18.24 6.73
N SER A 34 -0.76 -18.44 6.70
CA SER A 34 -1.59 -18.24 7.89
C SER A 34 -1.55 -19.42 8.87
N GLY A 35 -1.03 -20.55 8.45
CA GLY A 35 -0.94 -21.69 9.34
C GLY A 35 -2.21 -22.47 9.64
N ARG A 36 -3.37 -22.01 9.16
CA ARG A 36 -4.61 -22.74 9.42
C ARG A 36 -4.48 -24.17 8.88
N PHE A 37 -3.70 -24.32 7.82
CA PHE A 37 -3.48 -25.61 7.21
C PHE A 37 -2.35 -25.53 6.20
N GLU A 38 -1.91 -26.69 5.73
CA GLU A 38 -0.84 -26.76 4.73
C GLU A 38 -1.09 -25.77 3.59
N ASP A 39 -0.21 -24.79 3.47
CA ASP A 39 -0.30 -23.79 2.41
C ASP A 39 -1.48 -22.82 2.46
N SER A 40 -2.05 -22.62 3.63
CA SER A 40 -3.15 -21.68 3.74
C SER A 40 -2.52 -20.28 3.70
N GLY A 41 -3.19 -19.33 3.08
CA GLY A 41 -2.62 -18.01 3.03
C GLY A 41 -2.80 -17.33 1.68
N ALA A 42 -2.12 -16.21 1.51
CA ALA A 42 -2.20 -15.46 0.27
C ALA A 42 -0.82 -15.13 -0.29
N VAL A 43 -0.82 -14.70 -1.55
CA VAL A 43 0.40 -14.31 -2.23
C VAL A 43 0.62 -12.82 -2.06
N ALA A 44 1.77 -12.43 -1.50
CA ALA A 44 2.07 -11.01 -1.32
C ALA A 44 2.36 -10.42 -2.69
N THR A 45 3.23 -11.09 -3.44
CA THR A 45 3.55 -10.65 -4.78
C THR A 45 4.26 -11.77 -5.51
N ALA A 46 4.49 -11.58 -6.79
CA ALA A 46 5.16 -12.60 -7.57
C ALA A 46 5.95 -11.92 -8.69
N ASN A 47 7.06 -12.51 -9.10
CA ASN A 47 7.81 -11.90 -10.18
C ASN A 47 7.00 -12.05 -11.47
N TYR A 48 7.46 -11.40 -12.53
CA TYR A 48 6.76 -11.46 -13.79
C TYR A 48 6.60 -12.83 -14.41
N GLU A 49 7.62 -13.68 -14.29
CA GLU A 49 7.51 -15.01 -14.86
C GLU A 49 6.23 -15.65 -14.31
N ALA A 50 5.92 -15.37 -13.04
CA ALA A 50 4.73 -15.91 -12.42
C ALA A 50 3.42 -15.13 -12.71
N ARG A 51 3.51 -13.82 -12.90
CA ARG A 51 2.32 -13.02 -13.18
C ARG A 51 1.76 -13.21 -14.57
N LYS A 52 2.56 -13.72 -15.48
CA LYS A 52 2.06 -13.92 -16.83
C LYS A 52 1.13 -15.13 -16.86
N PHE A 53 1.06 -15.85 -15.74
CA PHE A 53 0.20 -17.01 -15.65
C PHE A 53 -0.96 -16.80 -14.69
N GLY A 54 -1.17 -15.57 -14.23
CA GLY A 54 -2.28 -15.33 -13.32
C GLY A 54 -1.96 -15.31 -11.84
N VAL A 55 -0.75 -15.72 -11.46
CA VAL A 55 -0.38 -15.71 -10.05
C VAL A 55 -0.01 -14.28 -9.66
N LYS A 56 -0.73 -13.71 -8.70
CA LYS A 56 -0.48 -12.34 -8.29
C LYS A 56 -0.93 -12.01 -6.88
N ALA A 57 -0.60 -10.81 -6.44
CA ALA A 57 -0.96 -10.35 -5.10
C ALA A 57 -2.46 -10.54 -4.85
N GLY A 58 -2.79 -11.11 -3.70
CA GLY A 58 -4.18 -11.33 -3.39
C GLY A 58 -4.65 -12.76 -3.45
N ILE A 59 -4.37 -13.48 -4.55
CA ILE A 59 -4.84 -14.87 -4.65
C ILE A 59 -4.32 -15.79 -3.57
N PRO A 60 -5.11 -16.81 -3.22
CA PRO A 60 -4.78 -17.80 -2.21
C PRO A 60 -3.55 -18.58 -2.68
N ILE A 61 -2.69 -18.94 -1.74
CA ILE A 61 -1.50 -19.69 -2.08
C ILE A 61 -1.88 -21.02 -2.72
N VAL A 62 -2.93 -21.64 -2.20
CA VAL A 62 -3.41 -22.90 -2.72
C VAL A 62 -3.78 -22.81 -4.19
N GLU A 63 -4.32 -21.67 -4.59
CA GLU A 63 -4.72 -21.49 -5.97
C GLU A 63 -3.52 -21.24 -6.87
N ALA A 64 -2.51 -20.59 -6.32
CA ALA A 64 -1.31 -20.31 -7.09
C ALA A 64 -0.58 -21.61 -7.39
N LYS A 65 -0.63 -22.56 -6.47
CA LYS A 65 0.07 -23.82 -6.71
C LYS A 65 -0.59 -24.67 -7.78
N LYS A 66 -1.90 -24.56 -7.92
CA LYS A 66 -2.58 -25.33 -8.96
C LYS A 66 -2.17 -24.83 -10.33
N ILE A 67 -1.78 -23.56 -10.42
CA ILE A 67 -1.37 -22.98 -11.69
C ILE A 67 0.12 -23.18 -11.95
N LEU A 68 0.93 -23.05 -10.90
CA LEU A 68 2.37 -23.21 -11.03
C LEU A 68 2.91 -24.11 -9.93
N PRO A 69 2.48 -25.38 -9.92
CA PRO A 69 2.96 -26.32 -8.89
C PRO A 69 4.48 -26.39 -8.71
N ASN A 70 5.25 -26.01 -9.72
CA ASN A 70 6.69 -26.11 -9.60
C ASN A 70 7.47 -24.81 -9.41
N ALA A 71 6.77 -23.72 -9.11
CA ALA A 71 7.46 -22.45 -8.90
C ALA A 71 8.14 -22.45 -7.53
N VAL A 72 8.90 -21.41 -7.24
CA VAL A 72 9.56 -21.30 -5.94
C VAL A 72 8.65 -20.50 -5.02
N TYR A 73 8.27 -21.11 -3.89
CA TYR A 73 7.42 -20.45 -2.91
C TYR A 73 8.20 -20.04 -1.68
N LEU A 74 8.19 -18.74 -1.39
CA LEU A 74 8.94 -18.23 -0.25
C LEU A 74 8.12 -17.44 0.75
N PRO A 75 8.45 -17.55 2.04
CA PRO A 75 7.71 -16.82 3.06
C PRO A 75 8.17 -15.38 3.03
N MET A 76 7.23 -14.47 3.26
CA MET A 76 7.53 -13.06 3.28
C MET A 76 8.42 -12.64 4.45
N ARG A 77 9.44 -11.83 4.17
CA ARG A 77 10.34 -11.34 5.24
C ARG A 77 10.41 -9.80 5.24
N LYS A 78 9.38 -9.19 5.82
CA LYS A 78 9.26 -7.72 5.90
C LYS A 78 10.53 -6.96 6.24
N GLU A 79 11.06 -7.22 7.42
CA GLU A 79 12.26 -6.56 7.89
C GLU A 79 13.30 -6.46 6.78
N VAL A 80 13.59 -7.58 6.12
CA VAL A 80 14.58 -7.58 5.05
C VAL A 80 14.22 -6.62 3.93
N TYR A 81 12.95 -6.63 3.50
CA TYR A 81 12.57 -5.73 2.42
C TYR A 81 12.55 -4.30 2.91
N GLN A 82 12.17 -4.10 4.16
CA GLN A 82 12.10 -2.75 4.71
C GLN A 82 13.46 -2.07 4.78
N GLN A 83 14.49 -2.81 5.19
CA GLN A 83 15.82 -2.21 5.27
C GLN A 83 16.35 -1.88 3.88
N VAL A 84 16.02 -2.72 2.91
CA VAL A 84 16.48 -2.48 1.56
C VAL A 84 15.75 -1.26 1.02
N SER A 85 14.49 -1.12 1.41
CA SER A 85 13.71 0.02 0.97
C SER A 85 14.39 1.28 1.50
N SER A 86 14.70 1.25 2.79
CA SER A 86 15.35 2.37 3.48
C SER A 86 16.62 2.83 2.80
N ARG A 87 17.45 1.87 2.38
CA ARG A 87 18.68 2.24 1.72
C ARG A 87 18.37 2.90 0.39
N ILE A 88 17.45 2.33 -0.37
CA ILE A 88 17.09 2.89 -1.67
C ILE A 88 16.52 4.28 -1.47
N MET A 89 15.73 4.46 -0.43
CA MET A 89 15.16 5.77 -0.15
C MET A 89 16.30 6.77 0.07
N ASN A 90 17.34 6.32 0.76
CA ASN A 90 18.47 7.21 1.02
C ASN A 90 19.24 7.59 -0.24
N LEU A 91 19.04 6.86 -1.33
CA LEU A 91 19.73 7.21 -2.57
C LEU A 91 18.95 8.32 -3.25
N LEU A 92 17.63 8.26 -3.13
CA LEU A 92 16.78 9.25 -3.74
C LEU A 92 16.97 10.59 -3.04
N ARG A 93 17.15 10.56 -1.72
CA ARG A 93 17.35 11.79 -0.95
C ARG A 93 18.36 12.67 -1.67
N GLU A 94 19.41 12.02 -2.19
CA GLU A 94 20.48 12.69 -2.90
C GLU A 94 20.04 13.10 -4.30
N TYR A 95 18.80 13.56 -4.40
CA TYR A 95 18.25 13.98 -5.68
C TYR A 95 17.19 15.05 -5.47
N SER A 96 16.88 15.30 -4.21
CA SER A 96 15.91 16.31 -3.84
C SER A 96 15.70 16.30 -2.34
N GLU A 97 15.52 17.49 -1.77
CA GLU A 97 15.29 17.61 -0.34
C GLU A 97 13.79 17.40 -0.16
N LYS A 98 13.05 17.66 -1.23
CA LYS A 98 11.61 17.50 -1.25
C LYS A 98 11.30 16.06 -1.67
N ILE A 99 10.97 15.22 -0.70
CA ILE A 99 10.68 13.83 -0.99
C ILE A 99 9.59 13.23 -0.11
N GLU A 100 8.62 12.59 -0.76
CA GLU A 100 7.52 11.97 -0.04
C GLU A 100 7.56 10.47 -0.22
N ILE A 101 7.81 9.75 0.87
CA ILE A 101 7.84 8.29 0.84
C ILE A 101 6.39 7.84 1.00
N ALA A 102 5.82 7.27 -0.07
CA ALA A 102 4.43 6.83 -0.07
C ALA A 102 4.15 5.44 0.48
N SER A 103 5.06 4.48 0.26
CA SER A 103 4.88 3.13 0.76
C SER A 103 6.26 2.50 0.88
N ILE A 104 6.31 1.18 1.03
CA ILE A 104 7.60 0.53 1.17
C ILE A 104 8.40 0.55 -0.13
N ASP A 105 7.74 0.84 -1.25
CA ASP A 105 8.46 0.85 -2.51
C ASP A 105 8.11 1.99 -3.44
N GLU A 106 7.51 3.05 -2.90
CA GLU A 106 7.15 4.20 -3.73
C GLU A 106 7.60 5.49 -3.08
N ALA A 107 7.94 6.46 -3.90
CA ALA A 107 8.36 7.75 -3.40
C ALA A 107 8.15 8.75 -4.51
N TYR A 108 7.92 9.99 -4.10
CA TYR A 108 7.71 11.08 -5.05
C TYR A 108 8.83 12.06 -4.79
N LEU A 109 9.32 12.67 -5.84
CA LEU A 109 10.39 13.65 -5.70
C LEU A 109 10.00 14.91 -6.44
N ASP A 110 10.20 16.04 -5.79
CA ASP A 110 9.91 17.32 -6.41
C ASP A 110 11.25 17.79 -6.95
N ILE A 111 11.42 17.68 -8.25
CA ILE A 111 12.66 18.07 -8.89
C ILE A 111 12.49 19.34 -9.72
N SER A 112 11.51 20.16 -9.34
CA SER A 112 11.25 21.41 -10.04
C SER A 112 12.51 22.27 -10.05
N ASP A 113 13.25 22.25 -8.94
CA ASP A 113 14.48 23.01 -8.83
C ASP A 113 15.54 22.42 -9.75
N LYS A 114 16.07 21.26 -9.35
CA LYS A 114 17.10 20.57 -10.13
C LYS A 114 16.94 20.69 -11.64
N VAL A 115 16.00 19.95 -12.19
CA VAL A 115 15.74 19.95 -13.62
C VAL A 115 15.02 21.23 -14.08
N ARG A 116 15.14 21.54 -15.37
CA ARG A 116 14.49 22.71 -15.95
C ARG A 116 13.28 22.36 -16.80
N ASP A 117 13.41 21.35 -17.65
CA ASP A 117 12.31 20.93 -18.50
C ASP A 117 12.14 19.41 -18.46
N TYR A 118 11.25 18.86 -19.29
CA TYR A 118 11.02 17.43 -19.27
C TYR A 118 12.20 16.61 -19.79
N ARG A 119 12.94 17.15 -20.75
CA ARG A 119 14.08 16.43 -21.30
C ARG A 119 15.05 16.08 -20.16
N GLU A 120 15.45 17.10 -19.42
CA GLU A 120 16.36 16.88 -18.30
C GLU A 120 15.75 15.91 -17.29
N ALA A 121 14.48 16.12 -16.97
CA ALA A 121 13.78 15.27 -16.01
C ALA A 121 13.93 13.81 -16.40
N TYR A 122 13.71 13.52 -17.68
CA TYR A 122 13.84 12.16 -18.19
C TYR A 122 15.24 11.63 -17.87
N ASN A 123 16.26 12.39 -18.26
CA ASN A 123 17.66 12.03 -18.03
C ASN A 123 17.95 11.78 -16.56
N LEU A 124 17.39 12.62 -15.70
CA LEU A 124 17.59 12.45 -14.27
C LEU A 124 16.95 11.13 -13.89
N GLY A 125 15.90 10.77 -14.61
CA GLY A 125 15.21 9.53 -14.37
C GLY A 125 16.18 8.40 -14.58
N LEU A 126 16.79 8.39 -15.76
CA LEU A 126 17.76 7.37 -16.10
C LEU A 126 18.88 7.34 -15.08
N GLU A 127 19.32 8.51 -14.62
CA GLU A 127 20.38 8.53 -13.62
C GLU A 127 19.94 7.77 -12.36
N ILE A 128 18.70 7.99 -11.93
CA ILE A 128 18.18 7.33 -10.75
C ILE A 128 18.00 5.83 -10.95
N LYS A 129 17.40 5.45 -12.07
CA LYS A 129 17.22 4.04 -12.33
C LYS A 129 18.60 3.43 -12.24
N ASN A 130 19.49 3.93 -13.10
CA ASN A 130 20.88 3.49 -13.17
C ASN A 130 21.57 3.36 -11.82
N LYS A 131 21.53 4.44 -11.06
CA LYS A 131 22.14 4.44 -9.74
C LYS A 131 21.65 3.27 -8.90
N ILE A 132 20.33 3.14 -8.76
CA ILE A 132 19.74 2.09 -7.95
C ILE A 132 20.06 0.69 -8.47
N LEU A 133 20.06 0.52 -9.78
CA LEU A 133 20.37 -0.79 -10.36
C LEU A 133 21.80 -1.17 -10.03
N GLU A 134 22.70 -0.19 -10.07
CA GLU A 134 24.10 -0.40 -9.78
C GLU A 134 24.34 -0.68 -8.29
N LYS A 135 23.91 0.25 -7.44
CA LYS A 135 24.11 0.10 -6.01
C LYS A 135 23.37 -1.11 -5.43
N GLU A 136 22.05 -1.12 -5.56
CA GLU A 136 21.24 -2.19 -5.00
C GLU A 136 20.87 -3.34 -5.94
N LYS A 137 21.23 -3.22 -7.21
CA LYS A 137 20.92 -4.25 -8.20
C LYS A 137 19.41 -4.49 -8.27
N ILE A 138 18.65 -3.41 -8.21
CA ILE A 138 17.20 -3.49 -8.25
C ILE A 138 16.62 -2.56 -9.31
N THR A 139 15.75 -3.09 -10.17
CA THR A 139 15.15 -2.27 -11.19
C THR A 139 13.85 -1.64 -10.68
N VAL A 140 13.55 -0.46 -11.19
CA VAL A 140 12.36 0.27 -10.80
C VAL A 140 11.80 1.01 -12.02
N THR A 141 10.54 1.43 -11.93
CA THR A 141 9.94 2.20 -13.00
C THR A 141 9.79 3.65 -12.55
N VAL A 142 10.02 4.56 -13.48
CA VAL A 142 9.93 5.99 -13.20
C VAL A 142 8.84 6.64 -14.02
N GLY A 143 8.04 7.48 -13.37
CA GLY A 143 6.97 8.21 -14.02
C GLY A 143 7.13 9.69 -13.73
N ILE A 144 7.01 10.52 -14.77
CA ILE A 144 7.19 11.97 -14.60
C ILE A 144 6.08 12.77 -15.24
N SER A 145 5.55 13.72 -14.49
CA SER A 145 4.50 14.57 -15.01
C SER A 145 4.38 15.85 -14.19
N LYS A 146 3.28 16.56 -14.40
CA LYS A 146 2.98 17.83 -13.75
C LYS A 146 2.67 17.73 -12.25
N ASN A 147 2.06 16.63 -11.83
CA ASN A 147 1.72 16.46 -10.41
C ASN A 147 1.86 15.00 -10.02
N LYS A 148 1.72 14.72 -8.73
CA LYS A 148 1.84 13.37 -8.20
C LYS A 148 0.96 12.35 -8.91
N VAL A 149 -0.32 12.64 -8.99
CA VAL A 149 -1.24 11.73 -9.64
C VAL A 149 -0.76 11.28 -11.01
N PHE A 150 -0.49 12.22 -11.91
CA PHE A 150 -0.05 11.82 -13.25
C PHE A 150 1.34 11.20 -13.31
N ALA A 151 2.17 11.52 -12.32
CA ALA A 151 3.50 10.92 -12.27
C ALA A 151 3.31 9.41 -12.01
N LYS A 152 2.45 9.07 -11.06
CA LYS A 152 2.18 7.66 -10.73
C LYS A 152 1.56 6.97 -11.94
N ILE A 153 0.56 7.61 -12.55
CA ILE A 153 -0.09 7.05 -13.73
C ILE A 153 0.95 6.79 -14.81
N ALA A 154 1.90 7.71 -14.91
CA ALA A 154 2.95 7.59 -15.90
C ALA A 154 3.67 6.27 -15.66
N ALA A 155 3.98 6.00 -14.40
CA ALA A 155 4.68 4.78 -14.02
C ALA A 155 3.91 3.48 -14.30
N ASP A 156 2.61 3.47 -14.06
CA ASP A 156 1.80 2.27 -14.30
C ASP A 156 1.81 1.91 -15.76
N MET A 157 1.91 2.93 -16.59
CA MET A 157 1.92 2.73 -18.03
C MET A 157 3.27 2.21 -18.52
N ALA A 158 4.33 2.54 -17.80
CA ALA A 158 5.67 2.16 -18.22
C ALA A 158 6.31 0.94 -17.57
N LYS A 159 5.58 0.22 -16.72
CA LYS A 159 6.19 -0.93 -16.06
C LYS A 159 6.02 -2.24 -16.81
N PRO A 160 6.93 -3.20 -16.55
CA PRO A 160 8.05 -3.05 -15.61
C PRO A 160 9.30 -2.42 -16.18
N ASN A 161 10.18 -2.02 -15.26
CA ASN A 161 11.47 -1.45 -15.59
C ASN A 161 11.47 -0.37 -16.67
N GLY A 162 10.43 0.46 -16.68
CA GLY A 162 10.36 1.53 -17.66
C GLY A 162 10.58 2.91 -17.08
N ILE A 163 10.30 3.93 -17.88
CA ILE A 163 10.41 5.32 -17.50
C ILE A 163 9.52 6.04 -18.49
N LYS A 164 8.69 6.95 -18.01
CA LYS A 164 7.79 7.65 -18.91
C LYS A 164 7.40 9.03 -18.45
N VAL A 165 7.26 9.94 -19.40
CA VAL A 165 6.86 11.29 -19.10
C VAL A 165 5.49 11.49 -19.71
N ILE A 166 4.61 12.16 -18.98
CA ILE A 166 3.29 12.46 -19.48
C ILE A 166 3.26 13.98 -19.53
N ASP A 167 3.60 14.50 -20.71
CA ASP A 167 3.64 15.94 -20.92
C ASP A 167 2.25 16.58 -20.93
N ASP A 168 2.22 17.89 -20.74
CA ASP A 168 0.97 18.64 -20.68
C ASP A 168 -0.02 18.36 -21.81
N GLU A 169 0.46 18.06 -23.01
CA GLU A 169 -0.47 17.76 -24.10
C GLU A 169 -1.19 16.46 -23.81
N GLU A 170 -0.48 15.53 -23.17
CA GLU A 170 -1.07 14.24 -22.87
C GLU A 170 -2.03 14.27 -21.69
N VAL A 171 -1.68 15.02 -20.66
CA VAL A 171 -2.56 15.12 -19.50
C VAL A 171 -3.96 15.36 -20.06
N LYS A 172 -4.07 16.37 -20.90
CA LYS A 172 -5.34 16.76 -21.50
C LYS A 172 -6.04 15.64 -22.26
N ARG A 173 -5.29 14.81 -22.97
CA ARG A 173 -5.93 13.71 -23.69
C ARG A 173 -6.31 12.60 -22.72
N LEU A 174 -5.54 12.47 -21.64
CA LEU A 174 -5.82 11.44 -20.64
C LEU A 174 -7.07 11.81 -19.86
N ILE A 175 -7.24 13.10 -19.59
CA ILE A 175 -8.41 13.58 -18.86
C ILE A 175 -9.66 13.26 -19.66
N ARG A 176 -9.47 12.99 -20.93
CA ARG A 176 -10.57 12.71 -21.85
C ARG A 176 -10.60 11.22 -22.24
N GLU A 177 -9.41 10.69 -22.50
CA GLU A 177 -9.26 9.31 -22.94
C GLU A 177 -9.25 8.29 -21.79
N LEU A 178 -8.41 8.53 -20.80
CA LEU A 178 -8.22 7.63 -19.67
C LEU A 178 -9.46 7.27 -18.86
N ASP A 179 -9.61 5.97 -18.61
CA ASP A 179 -10.72 5.45 -17.84
C ASP A 179 -10.63 5.77 -16.34
N ILE A 180 -11.65 6.47 -15.84
CA ILE A 180 -11.77 6.90 -14.45
C ILE A 180 -11.31 5.86 -13.41
N ALA A 181 -11.57 4.59 -13.70
CA ALA A 181 -11.18 3.52 -12.80
C ALA A 181 -9.66 3.41 -12.71
N ASP A 182 -8.95 3.79 -13.76
CA ASP A 182 -7.51 3.72 -13.76
C ASP A 182 -6.88 4.93 -13.08
N VAL A 183 -7.69 5.65 -12.32
CA VAL A 183 -7.19 6.82 -11.60
C VAL A 183 -6.97 6.42 -10.14
N PRO A 184 -5.79 6.71 -9.61
CA PRO A 184 -5.44 6.38 -8.23
C PRO A 184 -6.45 6.89 -7.22
N GLY A 185 -6.86 6.01 -6.32
CA GLY A 185 -7.82 6.40 -5.30
C GLY A 185 -9.24 6.04 -5.69
N ILE A 186 -9.39 5.45 -6.87
CA ILE A 186 -10.71 5.04 -7.32
C ILE A 186 -10.74 3.52 -7.45
N GLY A 187 -11.20 2.86 -6.41
CA GLY A 187 -11.28 1.41 -6.44
C GLY A 187 -12.61 1.00 -7.01
N ASN A 188 -12.94 -0.27 -6.89
CA ASN A 188 -14.21 -0.80 -7.40
C ASN A 188 -15.41 -0.03 -6.91
N ILE A 189 -15.65 -0.09 -5.61
CA ILE A 189 -16.78 0.60 -5.02
C ILE A 189 -17.04 1.98 -5.62
N THR A 190 -16.00 2.79 -5.76
CA THR A 190 -16.21 4.11 -6.29
C THR A 190 -16.45 4.11 -7.79
N ALA A 191 -15.63 3.39 -8.55
CA ALA A 191 -15.81 3.34 -10.00
C ALA A 191 -17.24 2.96 -10.34
N GLU A 192 -17.75 1.98 -9.60
CA GLU A 192 -19.09 1.49 -9.79
C GLU A 192 -20.12 2.61 -9.57
N LYS A 193 -19.98 3.34 -8.46
CA LYS A 193 -20.91 4.42 -8.19
C LYS A 193 -20.77 5.48 -9.26
N LEU A 194 -19.62 5.52 -9.91
CA LEU A 194 -19.36 6.52 -10.94
C LEU A 194 -20.00 6.15 -12.27
N LYS A 195 -20.08 4.86 -12.58
CA LYS A 195 -20.69 4.39 -13.82
C LYS A 195 -22.15 4.82 -13.83
N LYS A 196 -22.85 4.54 -12.73
CA LYS A 196 -24.25 4.88 -12.63
C LYS A 196 -24.49 6.37 -12.90
N LEU A 197 -23.57 7.22 -12.44
CA LEU A 197 -23.70 8.66 -12.65
C LEU A 197 -23.27 9.04 -14.07
N GLY A 198 -22.98 8.01 -14.88
CA GLY A 198 -22.57 8.25 -16.25
C GLY A 198 -21.15 8.73 -16.42
N ILE A 199 -20.35 8.66 -15.35
CA ILE A 199 -18.96 9.09 -15.41
C ILE A 199 -18.04 7.91 -15.67
N ASN A 200 -17.39 7.91 -16.83
CA ASN A 200 -16.48 6.83 -17.19
C ASN A 200 -15.11 7.42 -17.51
N LYS A 201 -15.04 8.74 -17.48
CA LYS A 201 -13.81 9.46 -17.77
C LYS A 201 -13.72 10.68 -16.87
N LEU A 202 -12.50 11.07 -16.53
CA LEU A 202 -12.31 12.21 -15.66
C LEU A 202 -13.14 13.42 -16.06
N VAL A 203 -13.18 13.70 -17.36
CA VAL A 203 -13.92 14.86 -17.87
C VAL A 203 -15.38 14.94 -17.44
N ASP A 204 -16.06 13.81 -17.44
CA ASP A 204 -17.47 13.74 -17.07
C ASP A 204 -17.83 14.39 -15.74
N THR A 205 -16.86 14.49 -14.82
CA THR A 205 -17.12 15.08 -13.52
C THR A 205 -17.41 16.58 -13.59
N LEU A 206 -17.15 17.18 -14.75
CA LEU A 206 -17.40 18.60 -14.89
C LEU A 206 -18.83 18.84 -15.39
N SER A 207 -19.39 17.84 -16.06
CA SER A 207 -20.75 17.91 -16.58
C SER A 207 -21.71 17.24 -15.60
N ILE A 208 -21.53 17.55 -14.33
CA ILE A 208 -22.36 17.00 -13.26
C ILE A 208 -22.39 18.03 -12.15
N GLU A 209 -23.54 18.21 -11.52
CA GLU A 209 -23.64 19.16 -10.44
C GLU A 209 -22.84 18.63 -9.27
N PHE A 210 -21.86 19.41 -8.83
CA PHE A 210 -20.98 19.05 -7.73
C PHE A 210 -21.69 18.39 -6.55
N ASP A 211 -22.76 19.03 -6.08
CA ASP A 211 -23.50 18.52 -4.94
C ASP A 211 -24.05 17.12 -5.11
N LYS A 212 -24.28 16.68 -6.35
CA LYS A 212 -24.79 15.34 -6.54
C LYS A 212 -23.62 14.37 -6.52
N LEU A 213 -22.46 14.86 -6.94
CA LEU A 213 -21.25 14.05 -6.92
C LEU A 213 -20.85 13.84 -5.48
N LYS A 214 -20.78 14.94 -4.72
CA LYS A 214 -20.43 14.87 -3.31
C LYS A 214 -21.37 13.90 -2.61
N GLY A 215 -22.66 14.06 -2.86
CA GLY A 215 -23.61 13.18 -2.23
C GLY A 215 -23.30 11.72 -2.48
N MET A 216 -22.98 11.39 -3.71
CA MET A 216 -22.69 10.01 -4.10
C MET A 216 -21.33 9.43 -3.67
N ILE A 217 -20.26 10.20 -3.79
CA ILE A 217 -18.95 9.66 -3.43
C ILE A 217 -18.19 10.36 -2.32
N GLY A 218 -18.74 11.45 -1.80
CA GLY A 218 -18.05 12.16 -0.74
C GLY A 218 -17.41 13.43 -1.28
N GLU A 219 -17.33 14.45 -0.43
CA GLU A 219 -16.76 15.72 -0.82
C GLU A 219 -15.30 15.63 -1.20
N ALA A 220 -14.51 15.09 -0.28
CA ALA A 220 -13.08 14.95 -0.49
C ALA A 220 -12.80 14.33 -1.85
N LYS A 221 -13.46 13.20 -2.11
CA LYS A 221 -13.31 12.46 -3.34
C LYS A 221 -13.80 13.24 -4.57
N ALA A 222 -14.87 14.02 -4.40
CA ALA A 222 -15.44 14.81 -5.49
C ALA A 222 -14.54 15.97 -5.85
N LYS A 223 -14.00 16.64 -4.84
CA LYS A 223 -13.12 17.78 -5.11
C LYS A 223 -11.84 17.30 -5.76
N TYR A 224 -11.39 16.11 -5.36
CA TYR A 224 -10.18 15.50 -5.90
C TYR A 224 -10.36 15.28 -7.40
N LEU A 225 -11.35 14.48 -7.77
CA LEU A 225 -11.62 14.20 -9.16
C LEU A 225 -11.82 15.47 -10.00
N ILE A 226 -12.64 16.39 -9.49
CA ILE A 226 -12.89 17.63 -10.23
C ILE A 226 -11.64 18.45 -10.50
N SER A 227 -10.79 18.61 -9.50
CA SER A 227 -9.60 19.40 -9.74
C SER A 227 -8.73 18.70 -10.79
N LEU A 228 -8.73 17.37 -10.77
CA LEU A 228 -7.95 16.64 -11.75
C LEU A 228 -8.47 16.92 -13.14
N ALA A 229 -9.79 16.91 -13.28
CA ALA A 229 -10.43 17.16 -14.57
C ALA A 229 -10.11 18.55 -15.07
N ARG A 230 -10.22 19.54 -14.18
CA ARG A 230 -9.93 20.92 -14.52
C ARG A 230 -8.44 21.17 -14.73
N ASP A 231 -7.63 20.12 -14.65
CA ASP A 231 -6.17 20.24 -14.79
C ASP A 231 -5.70 21.26 -13.76
N GLU A 232 -6.21 21.15 -12.55
CA GLU A 232 -5.88 22.08 -11.49
C GLU A 232 -5.33 21.44 -10.22
N TYR A 233 -5.32 20.10 -10.19
CA TYR A 233 -4.81 19.37 -9.03
C TYR A 233 -3.31 19.62 -8.87
N ASN A 234 -2.90 19.88 -7.63
CA ASN A 234 -1.49 20.12 -7.39
C ASN A 234 -1.08 20.06 -5.94
N GLU A 235 -1.27 18.91 -5.31
CA GLU A 235 -0.89 18.75 -3.91
C GLU A 235 0.62 18.62 -3.83
N PRO A 236 1.23 19.30 -2.87
CA PRO A 236 2.68 19.28 -2.67
C PRO A 236 3.27 17.96 -2.18
N ILE A 237 4.59 17.88 -2.21
CA ILE A 237 5.34 16.70 -1.78
C ILE A 237 5.79 16.93 -0.35
N ARG A 238 5.31 16.11 0.57
CA ARG A 238 5.65 16.26 1.97
C ARG A 238 6.01 14.93 2.61
N THR A 239 6.93 14.99 3.57
CA THR A 239 7.33 13.80 4.28
C THR A 239 6.16 13.32 5.12
N ARG A 240 5.82 12.05 5.00
CA ARG A 240 4.71 11.49 5.77
C ARG A 240 5.30 10.88 7.02
N VAL A 241 4.54 10.93 8.10
CA VAL A 241 5.00 10.36 9.36
C VAL A 241 4.08 9.23 9.82
N ARG A 242 4.68 8.14 10.30
CA ARG A 242 3.93 6.99 10.79
C ARG A 242 2.90 7.46 11.79
N LYS A 243 1.64 7.14 11.54
CA LYS A 243 0.57 7.57 12.44
C LYS A 243 -0.05 6.45 13.27
N SER A 244 0.30 5.20 12.96
CA SER A 244 -0.21 4.07 13.72
C SER A 244 0.57 2.80 13.46
N ILE A 245 0.71 1.99 14.49
CA ILE A 245 1.40 0.71 14.40
C ILE A 245 0.45 -0.33 14.94
N GLY A 246 0.46 -1.51 14.35
CA GLY A 246 -0.43 -2.55 14.80
C GLY A 246 -0.01 -3.88 14.24
N ARG A 247 -0.67 -4.94 14.71
CA ARG A 247 -0.35 -6.27 14.24
C ARG A 247 -1.63 -7.09 14.38
N ILE A 248 -1.85 -8.00 13.44
CA ILE A 248 -3.05 -8.83 13.44
C ILE A 248 -2.65 -10.22 13.00
N VAL A 249 -3.07 -11.23 13.75
CA VAL A 249 -2.72 -12.60 13.40
C VAL A 249 -3.94 -13.50 13.26
N THR A 250 -3.79 -14.58 12.52
CA THR A 250 -4.88 -15.54 12.31
C THR A 250 -4.75 -16.62 13.36
N MET A 251 -5.87 -17.04 13.90
CA MET A 251 -5.88 -18.09 14.91
C MET A 251 -5.97 -19.40 14.14
N LYS A 252 -5.59 -20.51 14.77
CA LYS A 252 -5.67 -21.79 14.08
C LYS A 252 -7.12 -22.22 13.85
N ARG A 253 -7.98 -21.90 14.81
CA ARG A 253 -9.39 -22.26 14.71
C ARG A 253 -10.24 -21.06 15.12
N ASN A 254 -11.32 -20.81 14.39
CA ASN A 254 -12.20 -19.70 14.73
C ASN A 254 -12.68 -19.95 16.16
N SER A 255 -12.82 -18.89 16.94
CA SER A 255 -13.25 -19.06 18.31
C SER A 255 -14.06 -17.89 18.86
N ARG A 256 -14.68 -18.13 20.00
CA ARG A 256 -15.51 -17.14 20.68
C ARG A 256 -15.08 -17.09 22.14
N ASN A 257 -14.24 -18.04 22.53
CA ASN A 257 -13.77 -18.10 23.91
C ASN A 257 -12.63 -17.15 24.21
N LEU A 258 -12.88 -16.24 25.13
CA LEU A 258 -11.91 -15.26 25.53
C LEU A 258 -10.53 -15.85 25.86
N GLU A 259 -10.51 -16.92 26.64
CA GLU A 259 -9.26 -17.55 27.02
C GLU A 259 -8.51 -18.19 25.86
N GLU A 260 -9.24 -18.48 24.79
CA GLU A 260 -8.60 -19.10 23.63
C GLU A 260 -8.02 -18.02 22.74
N ILE A 261 -8.63 -16.84 22.80
CA ILE A 261 -8.20 -15.71 21.99
C ILE A 261 -7.07 -14.91 22.66
N LYS A 262 -7.17 -14.70 23.97
CA LYS A 262 -6.16 -13.94 24.71
C LYS A 262 -4.71 -14.11 24.25
N PRO A 263 -4.24 -15.35 24.18
CA PRO A 263 -2.86 -15.62 23.75
C PRO A 263 -2.49 -14.96 22.44
N TYR A 264 -3.31 -15.16 21.42
CA TYR A 264 -3.06 -14.56 20.12
C TYR A 264 -3.03 -13.04 20.25
N LEU A 265 -3.97 -12.52 21.05
CA LEU A 265 -4.09 -11.08 21.28
C LEU A 265 -2.89 -10.49 22.00
N PHE A 266 -2.40 -11.18 23.02
CA PHE A 266 -1.25 -10.68 23.77
C PHE A 266 0.00 -10.64 22.90
N ARG A 267 0.18 -11.68 22.10
CA ARG A 267 1.33 -11.77 21.23
C ARG A 267 1.28 -10.59 20.25
N ALA A 268 0.07 -10.26 19.80
CA ALA A 268 -0.14 -9.16 18.88
C ALA A 268 0.34 -7.85 19.50
N ILE A 269 -0.07 -7.61 20.75
CA ILE A 269 0.33 -6.40 21.48
C ILE A 269 1.85 -6.37 21.66
N GLU A 270 2.42 -7.50 22.09
CA GLU A 270 3.84 -7.61 22.30
C GLU A 270 4.59 -7.13 21.07
N GLU A 271 4.35 -7.79 19.94
CA GLU A 271 5.02 -7.42 18.71
C GLU A 271 4.82 -5.95 18.38
N SER A 272 3.60 -5.47 18.60
CA SER A 272 3.30 -4.08 18.33
C SER A 272 4.18 -3.15 19.15
N TYR A 273 4.44 -3.54 20.39
CA TYR A 273 5.27 -2.71 21.25
C TYR A 273 6.71 -2.71 20.80
N TYR A 274 7.21 -3.87 20.41
CA TYR A 274 8.58 -3.96 19.93
C TYR A 274 8.69 -3.00 18.75
N LYS A 275 7.67 -3.00 17.89
CA LYS A 275 7.65 -2.16 16.70
C LYS A 275 7.49 -0.68 17.01
N LEU A 276 6.86 -0.35 18.13
CA LEU A 276 6.68 1.04 18.52
C LEU A 276 8.04 1.67 18.77
N ASP A 277 8.92 0.89 19.39
CA ASP A 277 10.28 1.32 19.71
C ASP A 277 10.43 2.82 20.02
N LYS A 278 10.24 3.18 21.28
CA LYS A 278 10.36 4.56 21.76
C LYS A 278 9.09 5.39 21.63
N ARG A 279 8.25 5.07 20.66
CA ARG A 279 7.01 5.81 20.49
C ARG A 279 5.98 5.40 21.54
N ILE A 280 5.20 6.37 22.02
CA ILE A 280 4.19 6.10 23.02
C ILE A 280 2.79 6.51 22.56
N PRO A 281 1.90 5.54 22.39
CA PRO A 281 0.52 5.74 21.94
C PRO A 281 -0.48 6.08 23.04
N LYS A 282 -1.48 6.88 22.68
CA LYS A 282 -2.53 7.27 23.61
C LYS A 282 -3.81 6.51 23.31
N ALA A 283 -3.91 6.02 22.07
CA ALA A 283 -5.10 5.27 21.65
C ALA A 283 -4.77 3.84 21.28
N ILE A 284 -5.69 2.94 21.58
CA ILE A 284 -5.54 1.54 21.29
C ILE A 284 -6.85 1.01 20.76
N HIS A 285 -6.79 0.28 19.66
CA HIS A 285 -7.99 -0.29 19.08
C HIS A 285 -7.78 -1.78 18.95
N VAL A 286 -8.81 -2.56 19.22
CA VAL A 286 -8.72 -4.01 19.08
C VAL A 286 -9.49 -4.27 17.78
N VAL A 287 -8.87 -5.01 16.88
CA VAL A 287 -9.48 -5.31 15.59
C VAL A 287 -9.71 -6.80 15.47
N ALA A 288 -10.89 -7.18 15.01
CA ALA A 288 -11.23 -8.59 14.84
C ALA A 288 -11.77 -8.84 13.45
N VAL A 289 -11.42 -9.99 12.90
CA VAL A 289 -11.88 -10.40 11.59
C VAL A 289 -12.83 -11.56 11.84
N THR A 290 -14.11 -11.35 11.54
CA THR A 290 -15.15 -12.37 11.72
C THR A 290 -15.00 -13.52 10.73
N GLU A 291 -15.43 -14.72 11.15
CA GLU A 291 -15.37 -15.92 10.32
C GLU A 291 -15.82 -15.70 8.88
N ASP A 292 -16.76 -14.79 8.67
CA ASP A 292 -17.25 -14.48 7.33
C ASP A 292 -16.51 -13.23 6.83
N LEU A 293 -15.21 -13.20 7.13
CA LEU A 293 -14.30 -12.13 6.76
C LEU A 293 -14.78 -10.68 6.85
N ASP A 294 -15.58 -10.37 7.87
CA ASP A 294 -16.06 -9.01 8.10
C ASP A 294 -15.13 -8.44 9.18
N ILE A 295 -14.96 -7.11 9.23
CA ILE A 295 -14.06 -6.50 10.20
C ILE A 295 -14.73 -5.68 11.30
N VAL A 296 -14.46 -6.07 12.54
CA VAL A 296 -15.01 -5.44 13.75
C VAL A 296 -13.90 -4.77 14.59
N SER A 297 -14.17 -3.59 15.13
CA SER A 297 -13.16 -2.92 15.94
C SER A 297 -13.75 -2.09 17.08
N ARG A 298 -13.01 -2.04 18.18
CA ARG A 298 -13.42 -1.29 19.37
C ARG A 298 -12.13 -0.68 19.93
N GLY A 299 -12.14 0.59 20.25
CA GLY A 299 -10.93 1.19 20.76
C GLY A 299 -11.13 2.20 21.88
N ARG A 300 -10.05 2.87 22.26
CA ARG A 300 -10.13 3.85 23.31
C ARG A 300 -8.93 4.79 23.36
N THR A 301 -9.22 6.07 23.59
CA THR A 301 -8.17 7.07 23.69
C THR A 301 -8.01 7.43 25.15
N PHE A 302 -6.79 7.57 25.62
CA PHE A 302 -6.55 7.93 27.00
C PHE A 302 -6.01 9.35 27.06
N PRO A 303 -6.16 10.01 28.21
CA PRO A 303 -5.68 11.37 28.38
C PRO A 303 -4.17 11.40 28.57
N HIS A 304 -3.54 10.24 28.47
CA HIS A 304 -2.09 10.09 28.62
C HIS A 304 -1.65 8.88 27.80
N GLY A 305 -0.34 8.61 27.76
CA GLY A 305 0.17 7.47 27.01
C GLY A 305 -0.17 6.10 27.59
N ILE A 306 -0.06 5.06 26.77
CA ILE A 306 -0.40 3.71 27.22
C ILE A 306 0.81 2.83 27.52
N SER A 307 0.87 2.32 28.75
CA SER A 307 1.94 1.42 29.17
C SER A 307 1.56 0.04 28.66
N LYS A 308 2.50 -0.89 28.61
CA LYS A 308 2.14 -2.22 28.13
C LYS A 308 1.16 -2.91 29.08
N GLU A 309 1.33 -2.75 30.38
CA GLU A 309 0.39 -3.37 31.29
C GLU A 309 -1.00 -2.84 30.99
N THR A 310 -1.10 -1.53 30.82
CA THR A 310 -2.38 -0.92 30.51
C THR A 310 -2.98 -1.49 29.23
N ALA A 311 -2.14 -1.69 28.22
CA ALA A 311 -2.58 -2.22 26.93
C ALA A 311 -3.14 -3.63 27.06
N TYR A 312 -2.50 -4.44 27.89
CA TYR A 312 -2.97 -5.81 28.09
C TYR A 312 -4.34 -5.76 28.74
N SER A 313 -4.44 -4.95 29.78
CA SER A 313 -5.66 -4.78 30.50
C SER A 313 -6.79 -4.27 29.61
N GLU A 314 -6.61 -3.08 29.05
CA GLU A 314 -7.62 -2.49 28.19
C GLU A 314 -8.02 -3.28 26.93
N SER A 315 -7.09 -4.06 26.39
CA SER A 315 -7.39 -4.82 25.18
C SER A 315 -8.36 -5.95 25.47
N VAL A 316 -8.29 -6.52 26.67
CA VAL A 316 -9.18 -7.60 27.03
C VAL A 316 -10.63 -7.07 27.12
N LYS A 317 -10.81 -5.88 27.66
CA LYS A 317 -12.14 -5.31 27.76
C LYS A 317 -12.73 -5.03 26.39
N LEU A 318 -11.93 -4.47 25.48
CA LEU A 318 -12.42 -4.19 24.13
C LEU A 318 -12.72 -5.51 23.38
N LEU A 319 -11.98 -6.56 23.70
CA LEU A 319 -12.24 -7.85 23.08
C LEU A 319 -13.56 -8.37 23.65
N GLN A 320 -13.78 -8.15 24.94
CA GLN A 320 -15.01 -8.57 25.62
C GLN A 320 -16.19 -7.76 25.08
N LYS A 321 -15.93 -6.48 24.83
CA LYS A 321 -16.91 -5.57 24.29
C LYS A 321 -17.31 -6.08 22.90
N ILE A 322 -16.31 -6.50 22.12
CA ILE A 322 -16.58 -7.02 20.78
C ILE A 322 -17.51 -8.24 20.86
N LEU A 323 -17.09 -9.27 21.58
CA LEU A 323 -17.89 -10.48 21.70
C LEU A 323 -19.31 -10.21 22.23
N GLU A 324 -19.45 -9.24 23.12
CA GLU A 324 -20.76 -8.92 23.67
C GLU A 324 -21.69 -8.32 22.63
N GLU A 325 -21.13 -7.62 21.64
CA GLU A 325 -21.95 -6.98 20.64
C GLU A 325 -21.99 -7.63 19.27
N ASP A 326 -21.21 -8.68 19.09
CA ASP A 326 -21.20 -9.40 17.82
C ASP A 326 -21.23 -10.87 18.20
N GLU A 327 -22.02 -11.67 17.48
CA GLU A 327 -22.16 -13.09 17.79
C GLU A 327 -21.38 -14.07 16.92
N ARG A 328 -20.83 -13.59 15.80
CA ARG A 328 -20.05 -14.47 14.93
C ARG A 328 -18.77 -14.91 15.62
N LYS A 329 -18.15 -15.96 15.10
CA LYS A 329 -16.90 -16.45 15.66
C LYS A 329 -15.81 -15.53 15.12
N ILE A 330 -14.64 -15.55 15.76
CA ILE A 330 -13.55 -14.71 15.30
C ILE A 330 -12.49 -15.55 14.61
N ARG A 331 -12.00 -15.05 13.47
CA ARG A 331 -10.98 -15.73 12.67
C ARG A 331 -9.60 -15.09 12.84
N ARG A 332 -9.56 -13.76 12.85
CA ARG A 332 -8.30 -13.06 13.01
C ARG A 332 -8.44 -12.01 14.12
N ILE A 333 -7.40 -11.83 14.92
CA ILE A 333 -7.46 -10.85 16.01
C ILE A 333 -6.19 -10.00 16.09
N GLY A 334 -6.34 -8.74 16.47
CA GLY A 334 -5.17 -7.89 16.55
C GLY A 334 -5.38 -6.56 17.25
N VAL A 335 -4.31 -5.79 17.36
CA VAL A 335 -4.35 -4.51 18.01
C VAL A 335 -3.79 -3.40 17.12
N ARG A 336 -4.18 -2.16 17.42
CA ARG A 336 -3.72 -1.00 16.67
C ARG A 336 -3.42 0.11 17.68
N PHE A 337 -2.21 0.63 17.66
CA PHE A 337 -1.82 1.72 18.55
C PHE A 337 -1.72 3.02 17.74
N SER A 338 -2.28 4.10 18.28
CA SER A 338 -2.25 5.37 17.58
C SER A 338 -2.20 6.60 18.49
N LYS A 339 -2.19 7.76 17.86
CA LYS A 339 -2.12 9.03 18.56
C LYS A 339 -0.88 9.14 19.43
N PHE A 340 0.28 9.02 18.80
CA PHE A 340 1.55 9.09 19.51
C PHE A 340 1.82 10.46 20.11
N ILE A 341 2.39 10.47 21.31
CA ILE A 341 2.72 11.69 22.01
C ILE A 341 3.79 12.44 21.22
C HN0 B 4 2.77 -4.55 2.97
P HN0 B 4 -1.95 -13.22 8.58
C1 HN0 B 4 3.65 -3.51 3.64
N1 HN0 B 4 -1.82 -5.69 2.62
O1 HN0 B 4 4.86 -4.05 4.12
C2 HN0 B 4 -0.72 -5.68 3.48
N2 HN0 B 4 0.28 -4.84 3.15
C3 HN0 B 4 1.54 -4.61 3.89
N3 HN0 B 4 -0.66 -6.46 4.59
C4 HN0 B 4 -1.78 -7.25 4.79
O4 HN0 B 4 3.06 -3.03 4.81
C5 HN0 B 4 -2.93 -7.33 4.01
C6 HN0 B 4 -2.97 -6.48 2.81
O6 HN0 B 4 -3.86 -6.39 1.97
C7 HN0 B 4 1.66 -3.27 4.71
N7 HN0 B 4 -3.84 -8.24 4.57
C8 HN0 B 4 -3.22 -8.67 5.64
C9 HN0 B 4 1.01 -1.96 4.10
N9 HN0 B 4 -1.97 -8.12 5.84
C1' HN0 B 4 -1.02 -8.34 6.87
C10 HN0 B 4 1.50 -0.58 4.65
C11 HN0 B 4 0.77 0.58 3.95
C12 HN0 B 4 1.20 2.00 4.42
C13 HN0 B 4 1.42 3.01 3.29
C2' HN0 B 4 -1.56 -8.50 8.28
C3' HN0 B 4 -0.33 -9.16 8.90
O3' HN0 B 4 0.66 -8.19 9.17
C4' HN0 B 4 0.17 -10.09 7.80
O4' HN0 B 4 -0.43 -9.59 6.58
C5' HN0 B 4 -0.20 -11.55 7.99
O5' HN0 B 4 -1.51 -11.73 8.48
OP1 HN0 B 4 -0.85 -13.95 9.26
OP2 HN0 B 4 -3.35 -13.27 9.10
PG DGT D . 5.19 -4.37 -9.76
O1G DGT D . 4.56 -3.13 -10.28
O2G DGT D . 6.63 -3.97 -9.31
O3G DGT D . 5.48 -5.50 -10.86
O3B DGT D . 4.39 -4.95 -8.52
PB DGT D . 4.84 -5.18 -7.02
O1B DGT D . 4.42 -6.41 -6.39
O2B DGT D . 6.28 -4.87 -6.83
O3A DGT D . 4.25 -3.76 -6.66
PA DGT D . 3.20 -3.24 -5.75
O1A DGT D . 2.57 -4.16 -4.80
O2A DGT D . 3.06 -1.77 -5.73
O5' DGT D . 4.50 -3.11 -4.69
C5' DGT D . 4.20 -3.53 -3.38
C4' DGT D . 5.05 -4.49 -2.54
O4' DGT D . 3.95 -4.43 -1.54
C3' DGT D . 5.05 -5.79 -3.33
O3' DGT D . 6.21 -6.60 -3.16
C2' DGT D . 3.80 -6.37 -2.86
C1' DGT D . 3.55 -5.79 -1.45
N9 DGT D . 2.17 -6.21 -1.32
C8 DGT D . 1.25 -5.73 -2.27
N7 DGT D . 0.05 -6.13 -2.14
C5 DGT D . 0.10 -6.94 -1.03
C6 DGT D . -0.95 -7.65 -0.43
O6 DGT D . -2.13 -7.69 -0.80
N1 DGT D . -0.53 -8.37 0.72
C2 DGT D . 0.77 -8.38 1.22
N2 DGT D . 0.98 -9.12 2.31
N3 DGT D . 1.79 -7.69 0.62
C4 DGT D . 1.39 -6.99 -0.48
CA CA E . 5.99 -1.87 -7.23
CA CA F . 2.38 0.75 -7.33
CA CA G . -8.71 1.24 -9.90
#